data_8ZC1
#
_entry.id   8ZC1
#
_cell.length_a   1.00
_cell.length_b   1.00
_cell.length_c   1.00
_cell.angle_alpha   90.00
_cell.angle_beta   90.00
_cell.angle_gamma   90.00
#
_symmetry.space_group_name_H-M   'P 1'
#
loop_
_entity.id
_entity.type
_entity.pdbx_description
1 polymer 'Spike protein S1'
2 polymer 'Light chain of D1F6 Fab'
3 polymer 'Heavy chain of D1F6 Fab'
#
loop_
_entity_poly.entity_id
_entity_poly.type
_entity_poly.pdbx_seq_one_letter_code
_entity_poly.pdbx_strand_id
1 'polypeptide(L)'
;ITNLCPFDEVFNATRFASVYAWNRKRISNCVADYSVLYNFAPFFAFKCYGVSPTKLNDLCFTNVYADSFVIRGNEVSQIA
PGQTGNIADYNYKLPDDFTGCVIAWNSNKLDSKVGGNYNYLYRLFRKSNLKPFERDISTEIYQAGNKPCNGVAGFNCYFP
LRSYGFRPTYGVGHQPYRVVVLSFELLHAPATVCGP
;
B
2 'polypeptide(L)'
;QPVLTQPPSASGPPGQSVSISCSGSRSNIGTNFVYWYQQLPGAAPKLLIYKNDQRPSGVPERFFGSKSGTSASLAISGLR
SEDEVDYYCAAWDDSLSGHVFGAGTKVTVLGTKLTVLGQPKAAPSVTLFPPSSEELQANKATLVCLISDFYPGAVTVAWK
ADSSPVKAGVETTTPSKQSNNKYAASSYLSLTPEQWKSHRSYSCQVTHEGSTVEKTVAPTECS
;
C
3 'polypeptide(L)'
;EVQLVQSGAEVKKPGASVKVSCKASGYIFSDYNIHWVRQAPGQGLEWMGWISPDSDDTNYAQSFQGRVTMTRDTSITTVY
MELSSLRSDDTAVYFCARSVGYCSLNSCQRWMWFDTWGQGALVTVSSASTKGPSVFPLAPSSKSTSGGTAALGCLVKDYF
PEPVTVSWNSGALTSGVHTFPAVLQSSGLYSLSSVVTVPSSSLGTQTYICNVNHKPSNTKVDKKVEPKSC
;
E
#
# COMPACT_ATOMS: atom_id res chain seq x y z
N VAL A 10 27.16 -6.41 -29.64
CA VAL A 10 27.81 -6.18 -28.35
C VAL A 10 27.96 -4.69 -28.05
N PHE A 11 28.17 -3.85 -29.06
CA PHE A 11 28.35 -2.43 -28.82
C PHE A 11 27.02 -1.68 -28.72
N ASN A 12 26.04 -2.03 -29.54
CA ASN A 12 24.77 -1.33 -29.58
C ASN A 12 23.70 -1.99 -28.72
N ALA A 13 24.10 -2.79 -27.73
CA ALA A 13 23.13 -3.42 -26.85
C ALA A 13 22.47 -2.38 -25.95
N THR A 14 21.14 -2.49 -25.81
CA THR A 14 20.42 -1.55 -24.96
C THR A 14 20.72 -1.78 -23.49
N ARG A 15 20.82 -3.03 -23.06
CA ARG A 15 21.02 -3.38 -21.66
C ARG A 15 22.45 -3.90 -21.48
N PHE A 16 23.19 -3.25 -20.59
CA PHE A 16 24.53 -3.70 -20.22
C PHE A 16 24.52 -4.21 -18.79
N ALA A 17 25.16 -5.35 -18.59
CA ALA A 17 25.19 -5.97 -17.27
C ALA A 17 26.18 -5.24 -16.36
N SER A 18 26.14 -5.58 -15.09
CA SER A 18 27.04 -4.98 -14.10
C SER A 18 28.43 -5.61 -14.25
N VAL A 19 29.38 -5.12 -13.46
CA VAL A 19 30.76 -5.57 -13.61
C VAL A 19 30.97 -6.93 -12.94
N TYR A 20 30.21 -7.21 -11.87
CA TYR A 20 30.42 -8.46 -11.14
C TYR A 20 29.87 -9.64 -11.92
N ALA A 21 28.77 -9.45 -12.65
CA ALA A 21 28.18 -10.50 -13.48
C ALA A 21 28.11 -9.98 -14.91
N TRP A 22 29.20 -10.15 -15.64
CA TRP A 22 29.36 -9.54 -16.95
C TRP A 22 28.95 -10.51 -18.06
N ASN A 23 28.60 -9.95 -19.21
CA ASN A 23 28.24 -10.76 -20.37
C ASN A 23 29.49 -11.23 -21.08
N ARG A 24 29.37 -12.38 -21.73
CA ARG A 24 30.46 -12.96 -22.52
C ARG A 24 29.90 -13.36 -23.88
N LYS A 25 30.34 -12.68 -24.93
CA LYS A 25 29.89 -12.94 -26.28
C LYS A 25 31.02 -13.50 -27.13
N ARG A 26 30.79 -14.66 -27.74
CA ARG A 26 31.78 -15.24 -28.63
C ARG A 26 31.76 -14.54 -29.98
N SER A 35 34.53 -5.43 -39.57
CA SER A 35 33.80 -4.19 -39.76
C SER A 35 34.64 -2.98 -39.33
N VAL A 36 34.03 -1.81 -39.33
CA VAL A 36 34.69 -0.57 -38.94
C VAL A 36 34.21 -0.18 -37.54
N LEU A 37 35.16 0.14 -36.67
CA LEU A 37 34.85 0.49 -35.29
C LEU A 37 34.98 1.99 -35.02
N TYR A 38 35.40 2.77 -36.01
CA TYR A 38 35.61 4.20 -35.84
C TYR A 38 34.39 5.02 -36.21
N ASN A 39 33.22 4.39 -36.36
CA ASN A 39 31.98 5.10 -36.59
C ASN A 39 31.13 5.26 -35.32
N PHE A 40 31.78 5.44 -34.18
CA PHE A 40 31.13 5.62 -32.88
C PHE A 40 31.49 6.99 -32.31
N ALA A 41 31.14 7.19 -31.05
CA ALA A 41 31.46 8.42 -30.35
C ALA A 41 32.96 8.53 -30.11
N PRO A 42 33.46 9.74 -29.83
CA PRO A 42 34.86 9.88 -29.40
C PRO A 42 35.14 9.08 -28.13
N PHE A 43 36.33 8.53 -28.06
CA PHE A 43 36.70 7.54 -27.06
C PHE A 43 37.62 8.15 -26.02
N PHE A 44 37.28 7.96 -24.74
CA PHE A 44 38.18 8.41 -23.68
C PHE A 44 39.46 7.58 -23.64
N ALA A 45 39.33 6.26 -23.73
CA ALA A 45 40.48 5.36 -23.60
C ALA A 45 40.42 4.34 -24.72
N PHE A 46 41.21 4.55 -25.76
CA PHE A 46 41.37 3.61 -26.88
C PHE A 46 42.87 3.35 -26.99
N LYS A 47 43.35 2.38 -26.21
CA LYS A 47 44.74 1.99 -26.25
C LYS A 47 44.81 0.47 -26.43
N CYS A 48 45.88 0.00 -27.06
CA CYS A 48 45.98 -1.42 -27.31
C CYS A 48 47.39 -1.93 -27.07
N TYR A 49 47.47 -3.23 -26.81
CA TYR A 49 48.65 -3.89 -26.27
C TYR A 49 49.08 -5.01 -27.21
N GLY A 50 50.36 -5.05 -27.55
CA GLY A 50 50.85 -6.01 -28.52
C GLY A 50 50.54 -5.58 -29.94
N VAL A 51 49.26 -5.44 -30.27
CA VAL A 51 48.82 -4.92 -31.56
C VAL A 51 48.49 -3.45 -31.38
N SER A 52 48.57 -2.72 -32.44
CA SER A 52 48.26 -1.31 -32.61
C SER A 52 47.03 -1.15 -33.49
N PRO A 53 46.31 -0.02 -33.42
CA PRO A 53 45.17 0.19 -34.33
C PRO A 53 45.58 0.28 -35.80
N THR A 54 46.85 0.55 -36.10
CA THR A 54 47.30 0.50 -37.49
C THR A 54 47.60 -0.92 -37.94
N LYS A 55 47.58 -1.88 -37.01
CA LYS A 55 47.86 -3.28 -37.32
C LYS A 55 46.64 -4.18 -37.17
N LEU A 56 45.61 -3.72 -36.45
CA LEU A 56 44.39 -4.51 -36.32
C LEU A 56 43.63 -4.59 -37.64
N ASN A 57 43.60 -3.48 -38.40
CA ASN A 57 42.95 -3.51 -39.71
C ASN A 57 43.76 -4.34 -40.70
N ASP A 58 45.07 -4.47 -40.49
CA ASP A 58 45.90 -5.34 -41.33
C ASP A 58 46.03 -6.75 -40.77
N LEU A 59 45.44 -7.02 -39.60
CA LEU A 59 45.45 -8.36 -39.01
C LEU A 59 44.68 -9.36 -39.87
N VAL A 64 38.08 -14.94 -30.69
CA VAL A 64 37.82 -13.57 -30.25
C VAL A 64 36.65 -13.59 -29.28
N TYR A 65 36.86 -13.02 -28.10
CA TYR A 65 35.83 -12.91 -27.07
C TYR A 65 35.36 -11.48 -26.95
N ALA A 66 34.16 -11.31 -26.39
CA ALA A 66 33.59 -9.99 -26.14
C ALA A 66 33.03 -9.99 -24.71
N ASP A 67 33.77 -9.36 -23.80
CA ASP A 67 33.36 -9.19 -22.42
C ASP A 67 33.15 -7.70 -22.17
N SER A 68 31.96 -7.33 -21.73
CA SER A 68 31.61 -5.93 -21.58
C SER A 68 30.96 -5.68 -20.22
N PHE A 69 31.21 -4.51 -19.66
CA PHE A 69 30.64 -4.09 -18.38
C PHE A 69 30.72 -2.56 -18.32
N VAL A 70 30.32 -2.00 -17.18
CA VAL A 70 30.30 -0.56 -16.98
C VAL A 70 31.15 -0.20 -15.76
N ILE A 71 31.96 0.84 -15.90
CA ILE A 71 32.93 1.25 -14.90
C ILE A 71 32.79 2.76 -14.69
N ARG A 72 32.81 3.19 -13.43
CA ARG A 72 32.79 4.61 -13.10
C ARG A 72 34.07 5.27 -13.60
N GLY A 73 33.97 6.59 -13.85
CA GLY A 73 35.01 7.33 -14.55
C GLY A 73 36.35 7.39 -13.84
N ASN A 74 36.37 7.20 -12.52
CA ASN A 74 37.62 7.27 -11.78
C ASN A 74 38.52 6.08 -12.10
N GLU A 75 37.96 4.87 -12.08
CA GLU A 75 38.74 3.64 -12.17
C GLU A 75 38.65 2.98 -13.55
N VAL A 76 38.50 3.77 -14.61
CA VAL A 76 38.61 3.21 -15.95
C VAL A 76 40.02 2.74 -16.23
N SER A 77 41.02 3.45 -15.69
CA SER A 77 42.41 3.07 -15.87
C SER A 77 42.79 1.81 -15.11
N GLN A 78 41.91 1.32 -14.23
CA GLN A 78 42.16 0.06 -13.54
C GLN A 78 42.06 -1.14 -14.46
N ILE A 79 41.34 -1.02 -15.58
CA ILE A 79 41.26 -2.11 -16.54
C ILE A 79 42.55 -2.09 -17.35
N ALA A 80 43.53 -2.87 -16.91
CA ALA A 80 44.87 -2.84 -17.46
C ALA A 80 45.56 -4.15 -17.08
N PRO A 81 46.47 -4.66 -17.90
CA PRO A 81 47.10 -5.94 -17.56
C PRO A 81 48.10 -5.81 -16.43
N GLY A 82 47.76 -6.36 -15.27
CA GLY A 82 48.70 -6.44 -14.17
C GLY A 82 48.89 -5.16 -13.37
N GLN A 83 47.83 -4.68 -12.74
CA GLN A 83 47.95 -3.61 -11.77
C GLN A 83 46.83 -3.74 -10.75
N THR A 84 47.13 -3.37 -9.51
CA THR A 84 46.20 -3.55 -8.41
C THR A 84 45.24 -2.38 -8.30
N GLY A 85 44.19 -2.57 -7.49
CA GLY A 85 43.18 -1.56 -7.30
C GLY A 85 41.96 -2.08 -6.57
N ASN A 86 40.77 -1.70 -7.04
CA ASN A 86 39.52 -2.18 -6.46
C ASN A 86 38.74 -3.07 -7.42
N ILE A 87 38.39 -2.55 -8.59
CA ILE A 87 37.68 -3.36 -9.57
C ILE A 87 38.65 -4.29 -10.29
N ALA A 88 39.93 -3.91 -10.33
CA ALA A 88 40.98 -4.73 -10.93
C ALA A 88 41.51 -5.80 -9.98
N ASP A 89 40.86 -6.01 -8.84
CA ASP A 89 41.25 -7.04 -7.91
C ASP A 89 40.07 -7.86 -7.39
N TYR A 90 38.84 -7.49 -7.70
CA TYR A 90 37.70 -8.06 -7.01
C TYR A 90 36.62 -8.53 -7.98
N ASN A 91 36.54 -7.90 -9.15
CA ASN A 91 35.47 -8.16 -10.09
C ASN A 91 35.96 -8.74 -11.41
N TYR A 92 36.87 -8.05 -12.09
CA TYR A 92 37.36 -8.47 -13.39
C TYR A 92 38.77 -7.93 -13.54
N LYS A 93 39.72 -8.79 -13.89
CA LYS A 93 41.10 -8.36 -14.01
C LYS A 93 41.81 -9.15 -15.11
N LEU A 94 42.68 -8.47 -15.83
CA LEU A 94 43.41 -9.06 -16.92
C LEU A 94 44.70 -9.70 -16.41
N PRO A 95 45.15 -10.78 -17.05
CA PRO A 95 46.43 -11.38 -16.67
C PRO A 95 47.61 -10.50 -17.11
N ASP A 96 48.79 -10.86 -16.61
CA ASP A 96 50.00 -10.13 -16.95
C ASP A 96 50.31 -10.25 -18.44
N ASP A 97 50.12 -11.43 -19.01
CA ASP A 97 50.27 -11.63 -20.45
C ASP A 97 48.92 -11.43 -21.13
N PHE A 98 48.91 -10.59 -22.17
CA PHE A 98 47.68 -10.29 -22.88
C PHE A 98 48.02 -9.76 -24.26
N THR A 99 47.23 -10.16 -25.26
CA THR A 99 47.40 -9.71 -26.62
C THR A 99 46.24 -8.89 -27.16
N GLY A 100 45.05 -9.01 -26.57
CA GLY A 100 43.92 -8.19 -26.94
C GLY A 100 43.98 -6.84 -26.24
N CYS A 101 42.88 -6.11 -26.32
CA CYS A 101 42.86 -4.77 -25.74
C CYS A 101 41.45 -4.34 -25.40
N VAL A 102 41.32 -3.09 -24.96
CA VAL A 102 40.13 -2.57 -24.30
C VAL A 102 39.71 -1.27 -24.99
N ILE A 103 38.39 -1.08 -25.12
CA ILE A 103 37.83 0.13 -25.69
C ILE A 103 36.88 0.74 -24.67
N ALA A 104 37.11 2.00 -24.31
CA ALA A 104 36.26 2.72 -23.38
C ALA A 104 35.65 3.91 -24.11
N TRP A 105 34.39 4.22 -23.81
CA TRP A 105 33.69 5.30 -24.49
C TRP A 105 32.67 5.92 -23.55
N ASN A 106 32.32 7.17 -23.86
CA ASN A 106 31.45 7.94 -22.98
C ASN A 106 30.01 7.43 -23.03
N SER A 107 29.35 7.46 -21.87
CA SER A 107 27.92 7.16 -21.80
C SER A 107 27.35 7.95 -20.62
N ASN A 108 26.86 9.15 -20.92
CA ASN A 108 26.25 9.98 -19.88
C ASN A 108 24.80 10.33 -20.16
N LYS A 109 24.40 10.40 -21.43
CA LYS A 109 23.00 10.61 -21.80
C LYS A 109 22.28 9.30 -22.11
N LEU A 110 22.92 8.16 -21.84
CA LEU A 110 22.31 6.86 -22.10
C LEU A 110 22.08 6.06 -20.83
N ASP A 111 23.02 6.10 -19.87
CA ASP A 111 22.91 5.29 -18.67
C ASP A 111 22.92 6.10 -17.38
N SER A 112 22.97 7.41 -17.45
CA SER A 112 22.88 8.27 -16.27
C SER A 112 21.60 9.08 -16.34
N LYS A 113 20.85 9.09 -15.24
CA LYS A 113 19.58 9.79 -15.21
C LYS A 113 19.26 10.20 -13.78
N VAL A 114 18.34 11.15 -13.65
CA VAL A 114 18.07 11.81 -12.38
C VAL A 114 17.46 10.82 -11.39
N GLY A 115 18.00 10.80 -10.18
CA GLY A 115 17.58 9.88 -9.16
C GLY A 115 18.52 8.70 -8.96
N GLY A 116 19.39 8.44 -9.91
CA GLY A 116 20.35 7.36 -9.81
C GLY A 116 19.96 6.16 -10.66
N ASN A 117 20.96 5.34 -10.95
CA ASN A 117 20.80 4.12 -11.73
C ASN A 117 21.37 2.97 -10.91
N TYR A 118 20.51 2.21 -10.26
CA TYR A 118 20.94 1.15 -9.36
C TYR A 118 21.03 -0.20 -10.05
N ASN A 119 21.01 -0.23 -11.37
CA ASN A 119 21.20 -1.48 -12.10
C ASN A 119 22.66 -1.93 -12.13
N TYR A 120 23.60 -1.03 -11.82
CA TYR A 120 25.02 -1.28 -12.04
C TYR A 120 25.69 -1.50 -10.69
N LEU A 121 25.97 -2.76 -10.38
CA LEU A 121 26.52 -3.17 -9.10
C LEU A 121 28.03 -3.39 -9.21
N TYR A 122 28.67 -3.55 -8.05
CA TYR A 122 30.02 -4.10 -8.00
C TYR A 122 30.18 -4.85 -6.68
N ARG A 123 31.12 -5.79 -6.67
CA ARG A 123 31.47 -6.52 -5.46
C ARG A 123 32.67 -5.87 -4.82
N LEU A 124 32.60 -5.64 -3.51
CA LEU A 124 33.66 -4.98 -2.76
C LEU A 124 34.40 -5.92 -1.84
N PHE A 125 33.71 -6.89 -1.24
CA PHE A 125 34.30 -7.76 -0.23
C PHE A 125 34.31 -9.20 -0.72
N ARG A 126 35.47 -9.84 -0.63
CA ARG A 126 35.64 -11.22 -1.07
C ARG A 126 36.80 -11.83 -0.29
N LYS A 127 36.86 -13.16 -0.30
CA LYS A 127 37.88 -13.87 0.46
C LYS A 127 39.28 -13.58 -0.04
N SER A 128 39.45 -13.57 -1.36
CA SER A 128 40.77 -13.35 -1.96
C SER A 128 40.57 -12.88 -3.39
N ASN A 129 41.69 -12.54 -4.04
CA ASN A 129 41.65 -12.15 -5.44
C ASN A 129 41.31 -13.34 -6.34
N LEU A 130 40.99 -13.06 -7.59
CA LEU A 130 40.41 -14.03 -8.49
C LEU A 130 41.44 -14.59 -9.44
N LYS A 131 41.07 -15.70 -10.09
CA LYS A 131 41.83 -16.18 -11.22
C LYS A 131 41.54 -15.30 -12.43
N PRO A 132 42.44 -15.23 -13.41
CA PRO A 132 42.15 -14.41 -14.61
C PRO A 132 40.96 -14.95 -15.40
N PHE A 133 40.21 -14.03 -16.00
CA PHE A 133 39.05 -14.32 -16.85
C PHE A 133 37.99 -15.14 -16.10
N GLU A 134 37.77 -14.78 -14.83
CA GLU A 134 36.89 -15.56 -13.99
C GLU A 134 35.89 -14.61 -13.32
N ARG A 135 34.64 -15.05 -13.23
CA ARG A 135 33.57 -14.26 -12.64
C ARG A 135 32.96 -15.01 -11.47
N ASP A 136 32.35 -14.26 -10.55
CA ASP A 136 31.72 -14.84 -9.37
C ASP A 136 30.39 -14.14 -9.13
N ILE A 137 29.32 -14.92 -9.03
CA ILE A 137 27.98 -14.41 -8.76
C ILE A 137 27.51 -15.10 -7.49
N SER A 138 27.63 -14.40 -6.36
CA SER A 138 27.26 -14.99 -5.08
C SER A 138 26.92 -13.89 -4.10
N THR A 139 25.92 -14.13 -3.26
CA THR A 139 25.48 -13.19 -2.24
C THR A 139 25.73 -13.74 -0.83
N GLU A 140 26.74 -14.58 -0.69
CA GLU A 140 27.12 -15.05 0.64
C GLU A 140 27.73 -13.91 1.45
N ILE A 141 27.21 -13.71 2.66
CA ILE A 141 27.57 -12.52 3.44
C ILE A 141 29.00 -12.66 3.95
N TYR A 142 29.81 -11.64 3.71
CA TYR A 142 31.22 -11.67 4.09
C TYR A 142 31.39 -11.64 5.60
N GLN A 143 32.45 -12.31 6.06
CA GLN A 143 32.80 -12.36 7.48
C GLN A 143 34.15 -11.66 7.65
N ALA A 144 34.20 -10.72 8.60
CA ALA A 144 35.41 -9.93 8.83
C ALA A 144 35.89 -10.02 10.27
N GLY A 145 35.54 -11.09 10.98
CA GLY A 145 35.93 -11.21 12.38
C GLY A 145 36.15 -12.63 12.86
N ASN A 146 35.72 -12.91 14.08
CA ASN A 146 35.87 -14.23 14.68
C ASN A 146 34.56 -14.97 14.84
N LYS A 147 33.48 -14.28 15.20
CA LYS A 147 32.20 -14.95 15.36
C LYS A 147 31.61 -15.26 13.98
N PRO A 148 31.27 -16.51 13.70
CA PRO A 148 30.71 -16.85 12.38
C PRO A 148 29.30 -16.30 12.20
N CYS A 149 29.14 -15.32 11.32
CA CYS A 149 27.82 -14.79 11.00
C CYS A 149 27.26 -15.58 9.82
N ASN A 150 26.29 -16.44 10.12
CA ASN A 150 25.72 -17.28 9.07
C ASN A 150 24.79 -16.49 8.16
N GLY A 151 23.96 -15.61 8.72
CA GLY A 151 23.04 -14.86 7.90
C GLY A 151 22.74 -13.44 8.35
N VAL A 152 23.54 -12.89 9.25
CA VAL A 152 23.28 -11.59 9.85
C VAL A 152 24.31 -10.60 9.33
N ALA A 153 23.86 -9.63 8.56
CA ALA A 153 24.74 -8.57 8.04
C ALA A 153 24.61 -7.30 8.87
N GLY A 154 25.03 -7.39 10.13
CA GLY A 154 25.03 -6.23 11.00
C GLY A 154 26.38 -5.57 11.09
N PHE A 155 26.97 -5.55 12.28
CA PHE A 155 28.36 -5.11 12.42
C PHE A 155 29.30 -6.27 12.15
N ASN A 156 30.48 -5.94 11.63
CA ASN A 156 31.59 -6.86 11.33
C ASN A 156 31.25 -7.87 10.24
N CYS A 157 30.07 -7.76 9.62
CA CYS A 157 29.63 -8.67 8.57
C CYS A 157 28.80 -7.86 7.59
N TYR A 158 29.29 -7.72 6.37
CA TYR A 158 28.72 -6.79 5.41
C TYR A 158 28.27 -7.52 4.14
N PHE A 159 27.27 -6.95 3.49
CA PHE A 159 26.81 -7.46 2.21
C PHE A 159 27.89 -7.21 1.14
N PRO A 160 28.14 -8.17 0.26
CA PRO A 160 29.22 -7.99 -0.74
C PRO A 160 28.91 -6.93 -1.78
N LEU A 161 27.74 -7.00 -2.40
CA LEU A 161 27.43 -6.14 -3.53
C LEU A 161 26.96 -4.77 -3.06
N ARG A 162 27.54 -3.72 -3.62
CA ARG A 162 27.11 -2.35 -3.37
C ARG A 162 26.85 -1.66 -4.68
N SER A 163 25.83 -0.82 -4.72
CA SER A 163 25.40 -0.12 -5.92
C SER A 163 25.90 1.31 -5.90
N TYR A 164 26.26 1.82 -7.07
CA TYR A 164 26.77 3.18 -7.20
C TYR A 164 25.93 3.89 -8.27
N GLY A 165 25.02 4.75 -7.82
CA GLY A 165 24.12 5.41 -8.74
C GLY A 165 24.82 6.49 -9.55
N PHE A 166 24.10 7.03 -10.52
CA PHE A 166 24.62 8.04 -11.42
C PHE A 166 23.61 9.16 -11.58
N ARG A 167 24.06 10.40 -11.34
CA ARG A 167 23.25 11.58 -11.47
C ARG A 167 23.95 12.57 -12.39
N PRO A 168 23.20 13.44 -13.08
CA PRO A 168 23.85 14.45 -13.93
C PRO A 168 24.61 15.52 -13.16
N THR A 169 24.51 15.53 -11.83
CA THR A 169 25.30 16.46 -11.02
C THR A 169 26.72 15.98 -10.78
N TYR A 170 27.05 14.76 -11.18
CA TYR A 170 28.40 14.25 -10.98
C TYR A 170 29.40 14.95 -11.89
N GLY A 171 30.67 14.91 -11.48
CA GLY A 171 31.74 15.56 -12.21
C GLY A 171 32.26 14.70 -13.34
N VAL A 172 33.42 15.12 -13.87
CA VAL A 172 34.02 14.44 -15.01
C VAL A 172 34.61 13.09 -14.66
N GLY A 173 34.81 12.80 -13.38
CA GLY A 173 35.39 11.53 -12.95
C GLY A 173 34.42 10.52 -12.39
N HIS A 174 33.11 10.70 -12.59
CA HIS A 174 32.12 9.81 -12.01
C HIS A 174 31.06 9.37 -13.00
N GLN A 175 31.26 9.65 -14.30
CA GLN A 175 30.30 9.19 -15.29
C GLN A 175 30.46 7.69 -15.51
N PRO A 176 29.35 6.97 -15.73
CA PRO A 176 29.44 5.54 -16.04
C PRO A 176 29.92 5.31 -17.46
N TYR A 177 31.17 4.88 -17.60
CA TYR A 177 31.76 4.64 -18.90
C TYR A 177 31.53 3.17 -19.29
N ARG A 178 30.72 2.95 -20.31
CA ARG A 178 30.61 1.61 -20.88
C ARG A 178 31.93 1.20 -21.50
N VAL A 179 32.34 -0.03 -21.26
CA VAL A 179 33.66 -0.50 -21.64
C VAL A 179 33.56 -1.95 -22.08
N VAL A 180 34.51 -2.39 -22.91
CA VAL A 180 34.52 -3.74 -23.45
C VAL A 180 35.96 -4.11 -23.76
N VAL A 181 36.30 -5.38 -23.55
CA VAL A 181 37.62 -5.91 -23.88
C VAL A 181 37.48 -6.86 -25.05
N LEU A 182 38.48 -6.87 -25.93
CA LEU A 182 38.49 -7.76 -27.09
C LEU A 182 39.65 -8.74 -26.93
N SER A 183 39.39 -9.82 -26.20
CA SER A 183 40.42 -10.82 -25.93
C SER A 183 40.66 -11.66 -27.18
N PHE A 184 41.93 -11.96 -27.45
CA PHE A 184 42.31 -12.74 -28.63
C PHE A 184 42.88 -14.09 -28.24
N PRO B 2 6.68 -16.92 4.93
CA PRO B 2 7.76 -16.03 5.35
C PRO B 2 7.36 -14.55 5.32
N VAL B 3 6.52 -14.15 6.26
CA VAL B 3 6.04 -12.78 6.37
C VAL B 3 6.60 -12.19 7.65
N LEU B 4 6.77 -10.86 7.64
CA LEU B 4 7.21 -10.15 8.83
C LEU B 4 6.15 -10.21 9.91
N THR B 5 6.59 -10.39 11.15
CA THR B 5 5.70 -10.39 12.30
C THR B 5 6.10 -9.29 13.26
N GLN B 6 5.10 -8.73 13.93
CA GLN B 6 5.26 -7.60 14.83
C GLN B 6 4.01 -7.51 15.69
N PRO B 7 4.10 -6.92 16.88
CA PRO B 7 2.89 -6.74 17.71
C PRO B 7 1.87 -5.85 17.01
N PRO B 8 0.59 -6.19 17.11
CA PRO B 8 -0.43 -5.42 16.39
C PRO B 8 -0.63 -4.02 16.93
N SER B 9 -0.37 -3.79 18.21
CA SER B 9 -0.60 -2.49 18.80
C SER B 9 0.36 -2.28 19.97
N ALA B 10 0.85 -1.06 20.11
CA ALA B 10 1.68 -0.67 21.24
C ALA B 10 1.14 0.64 21.80
N SER B 11 1.00 0.72 23.12
CA SER B 11 0.47 1.89 23.79
C SER B 11 1.47 2.41 24.80
N GLY B 12 1.56 3.73 24.91
CA GLY B 12 2.45 4.37 25.85
C GLY B 12 1.92 5.70 26.34
N PRO B 13 2.29 6.06 27.58
CA PRO B 13 1.92 7.38 28.08
C PRO B 13 2.79 8.46 27.47
N PRO B 14 2.29 9.68 27.35
CA PRO B 14 3.15 10.79 26.93
C PRO B 14 4.12 11.17 28.03
N GLY B 15 5.33 11.54 27.61
CA GLY B 15 6.43 11.82 28.51
C GLY B 15 7.67 11.00 28.23
N GLN B 16 7.51 9.73 27.88
CA GLN B 16 8.63 8.94 27.36
C GLN B 16 8.25 8.32 26.02
N SER B 17 9.21 7.69 25.37
CA SER B 17 9.03 7.17 24.03
C SER B 17 8.31 5.83 24.06
N VAL B 18 7.96 5.35 22.86
CA VAL B 18 7.43 4.01 22.65
C VAL B 18 8.28 3.33 21.61
N SER B 19 8.49 2.03 21.77
CA SER B 19 9.34 1.25 20.87
C SER B 19 8.52 0.25 20.08
N ILE B 20 8.78 0.15 18.79
CA ILE B 20 8.13 -0.79 17.90
C ILE B 20 9.17 -1.78 17.40
N SER B 21 8.96 -3.06 17.66
CA SER B 21 9.88 -4.10 17.26
C SER B 21 9.37 -4.79 16.00
N CYS B 22 10.32 -5.31 15.21
CA CYS B 22 9.98 -6.00 13.96
C CYS B 22 11.03 -7.08 13.72
N SER B 23 10.61 -8.34 13.76
CA SER B 23 11.50 -9.48 13.58
C SER B 23 11.21 -10.13 12.23
N GLY B 24 12.26 -10.62 11.58
CA GLY B 24 12.14 -11.18 10.25
C GLY B 24 12.91 -12.49 10.12
N SER B 25 12.78 -13.09 8.94
CA SER B 25 13.40 -14.36 8.63
C SER B 25 14.84 -14.14 8.15
N ARG B 26 15.43 -15.18 7.56
CA ARG B 26 16.80 -15.08 7.05
C ARG B 26 16.88 -14.11 5.89
N SER B 27 15.88 -14.09 5.01
CA SER B 27 15.91 -13.31 3.80
C SER B 27 15.11 -12.02 3.88
N ASN B 28 14.63 -11.66 5.08
CA ASN B 28 13.89 -10.41 5.26
C ASN B 28 14.74 -9.37 5.98
N ILE B 29 15.23 -9.67 7.18
CA ILE B 29 16.00 -8.75 7.99
C ILE B 29 17.33 -9.40 8.32
N GLY B 30 18.40 -8.62 8.31
CA GLY B 30 19.73 -9.12 8.56
C GLY B 30 20.50 -9.47 7.31
N THR B 31 19.86 -9.43 6.14
CA THR B 31 20.53 -9.56 4.86
C THR B 31 20.18 -8.41 3.93
N ASN B 32 19.21 -7.59 4.32
CA ASN B 32 18.75 -6.47 3.51
C ASN B 32 18.15 -5.39 4.38
N PHE B 33 18.04 -4.17 3.86
CA PHE B 33 17.60 -3.04 4.66
C PHE B 33 16.10 -3.12 4.91
N VAL B 34 15.66 -2.46 5.99
CA VAL B 34 14.25 -2.43 6.36
C VAL B 34 13.82 -0.97 6.46
N TYR B 35 12.61 -0.68 5.98
CA TYR B 35 12.07 0.67 5.94
C TYR B 35 10.77 0.74 6.72
N TRP B 36 10.48 1.93 7.25
CA TRP B 36 9.27 2.17 8.03
C TRP B 36 8.38 3.15 7.29
N TYR B 37 7.10 2.81 7.16
CA TYR B 37 6.13 3.63 6.46
C TYR B 37 5.02 4.06 7.41
N GLN B 38 4.71 5.34 7.42
CA GLN B 38 3.62 5.89 8.22
C GLN B 38 2.42 6.14 7.31
N GLN B 39 1.27 5.59 7.68
CA GLN B 39 0.05 5.76 6.90
C GLN B 39 -0.88 6.72 7.62
N LEU B 40 -1.19 7.83 6.96
CA LEU B 40 -2.27 8.70 7.44
C LEU B 40 -3.59 7.96 7.25
N PRO B 41 -4.55 8.13 8.18
CA PRO B 41 -5.81 7.39 8.07
C PRO B 41 -6.62 7.81 6.84
N GLY B 42 -6.90 6.84 5.99
CA GLY B 42 -7.63 7.08 4.75
C GLY B 42 -6.88 7.90 3.73
N ALA B 43 -5.58 7.67 3.57
CA ALA B 43 -4.78 8.41 2.61
C ALA B 43 -3.57 7.56 2.21
N ALA B 44 -2.65 8.18 1.50
CA ALA B 44 -1.47 7.48 0.98
C ALA B 44 -0.36 7.49 2.02
N PRO B 45 0.20 6.33 2.36
CA PRO B 45 1.34 6.30 3.28
C PRO B 45 2.59 6.89 2.65
N LYS B 46 3.48 7.38 3.52
CA LYS B 46 4.71 8.02 3.08
C LYS B 46 5.89 7.49 3.90
N LEU B 47 7.09 7.76 3.39
CA LEU B 47 8.32 7.28 4.01
C LEU B 47 8.60 8.03 5.32
N LEU B 48 9.00 7.29 6.35
CA LEU B 48 9.44 7.91 7.60
C LEU B 48 10.84 7.49 7.97
N ILE B 49 11.20 6.21 7.83
CA ILE B 49 12.57 5.73 8.06
C ILE B 49 13.03 4.96 6.84
N TYR B 50 14.20 5.34 6.30
CA TYR B 50 14.86 4.59 5.25
C TYR B 50 16.33 4.44 5.60
N LYS B 51 16.96 3.39 5.04
CA LYS B 51 18.40 3.14 5.15
C LYS B 51 18.82 2.87 6.61
N ASN B 52 17.83 2.58 7.46
CA ASN B 52 17.91 2.11 8.83
C ASN B 52 18.36 3.16 9.83
N ASP B 53 18.88 4.30 9.38
CA ASP B 53 19.20 5.39 10.28
C ASP B 53 18.98 6.75 9.62
N GLN B 54 18.32 6.77 8.47
CA GLN B 54 18.25 7.98 7.66
C GLN B 54 16.81 8.42 7.52
N ARG B 55 16.62 9.71 7.23
CA ARG B 55 15.30 10.29 7.13
C ARG B 55 15.26 11.30 5.99
N PRO B 56 14.13 11.46 5.32
CA PRO B 56 14.00 12.56 4.35
C PRO B 56 13.88 13.89 5.06
N SER B 57 14.14 14.96 4.31
CA SER B 57 14.06 16.30 4.85
C SER B 57 12.61 16.64 5.19
N GLY B 58 12.43 17.36 6.30
CA GLY B 58 11.13 17.66 6.83
C GLY B 58 10.65 16.72 7.92
N VAL B 59 11.25 15.55 8.02
CA VAL B 59 10.95 14.63 9.13
C VAL B 59 11.64 15.16 10.39
N PRO B 60 10.92 15.34 11.50
CA PRO B 60 11.55 15.89 12.70
C PRO B 60 12.57 14.94 13.29
N GLU B 61 13.57 15.52 13.96
CA GLU B 61 14.70 14.77 14.49
C GLU B 61 14.36 14.19 15.87
N ARG B 62 13.34 13.34 15.89
CA ARG B 62 12.96 12.63 17.10
C ARG B 62 12.53 11.20 16.83
N PHE B 63 12.65 10.72 15.59
CA PHE B 63 12.26 9.36 15.23
C PHE B 63 13.54 8.54 15.09
N PHE B 64 13.63 7.46 15.87
CA PHE B 64 14.85 6.68 15.99
C PHE B 64 14.59 5.25 15.56
N GLY B 65 15.46 4.70 14.74
CA GLY B 65 15.37 3.32 14.32
C GLY B 65 16.74 2.68 14.22
N SER B 66 16.79 1.40 14.56
CA SER B 66 18.04 0.65 14.52
C SER B 66 17.72 -0.84 14.42
N LYS B 67 18.74 -1.61 14.03
CA LYS B 67 18.64 -3.05 13.98
C LYS B 67 19.96 -3.66 14.45
N SER B 68 19.87 -4.82 15.09
CA SER B 68 21.04 -5.50 15.62
C SER B 68 21.24 -6.87 14.99
N GLY B 69 20.23 -7.74 15.03
CA GLY B 69 20.37 -9.06 14.45
C GLY B 69 19.43 -9.25 13.28
N THR B 70 18.62 -10.30 13.32
CA THR B 70 17.58 -10.51 12.33
C THR B 70 16.28 -9.80 12.69
N SER B 71 16.33 -8.84 13.60
CA SER B 71 15.19 -8.04 14.00
C SER B 71 15.57 -6.57 14.02
N ALA B 72 14.56 -5.71 13.84
CA ALA B 72 14.77 -4.28 13.81
C ALA B 72 13.83 -3.60 14.80
N SER B 73 14.23 -2.41 15.27
CA SER B 73 13.49 -1.67 16.27
C SER B 73 13.28 -0.23 15.81
N LEU B 74 12.10 0.31 16.09
CA LEU B 74 11.76 1.69 15.80
C LEU B 74 11.24 2.35 17.07
N ALA B 75 11.77 3.52 17.40
CA ALA B 75 11.40 4.26 18.59
C ALA B 75 10.92 5.65 18.20
N ILE B 76 9.78 6.05 18.76
CA ILE B 76 9.19 7.36 18.50
C ILE B 76 9.12 8.11 19.82
N SER B 77 9.81 9.25 19.89
CA SER B 77 9.83 10.08 21.09
C SER B 77 9.00 11.32 20.86
N GLY B 78 8.02 11.55 21.73
CA GLY B 78 7.10 12.66 21.58
C GLY B 78 5.83 12.26 20.90
N LEU B 79 4.74 12.12 21.66
CA LEU B 79 3.47 11.59 21.17
C LEU B 79 2.35 12.49 21.64
N ARG B 80 2.01 13.51 20.86
CA ARG B 80 0.98 14.44 21.30
C ARG B 80 -0.24 14.47 20.39
N SER B 81 -0.08 14.69 19.08
CA SER B 81 -1.25 14.87 18.22
C SER B 81 -1.11 14.30 16.82
N GLU B 82 -0.02 13.62 16.48
CA GLU B 82 0.20 13.29 15.07
C GLU B 82 0.57 11.83 14.88
N ASP B 83 1.19 11.21 15.88
CA ASP B 83 1.73 9.87 15.75
C ASP B 83 0.76 8.79 16.22
N GLU B 84 -0.54 9.08 16.25
CA GLU B 84 -1.54 8.07 16.58
C GLU B 84 -2.06 7.38 15.31
N VAL B 85 -1.14 6.88 14.49
CA VAL B 85 -1.48 6.30 13.21
C VAL B 85 -0.93 4.89 13.10
N ASP B 86 -1.07 4.27 11.93
CA ASP B 86 -0.60 2.92 11.70
C ASP B 86 0.79 2.95 11.09
N TYR B 87 1.67 2.07 11.56
CA TYR B 87 3.04 1.97 11.09
C TYR B 87 3.26 0.62 10.45
N TYR B 88 4.14 0.58 9.44
CA TYR B 88 4.38 -0.64 8.68
C TYR B 88 5.87 -0.93 8.56
N CYS B 89 6.23 -2.20 8.71
CA CYS B 89 7.60 -2.67 8.62
C CYS B 89 7.82 -3.23 7.22
N ALA B 90 8.57 -2.51 6.40
CA ALA B 90 8.74 -2.85 4.99
C ALA B 90 10.19 -3.23 4.71
N ALA B 91 10.38 -4.35 4.02
CA ALA B 91 11.71 -4.81 3.67
C ALA B 91 11.63 -5.67 2.43
N TRP B 92 12.78 -5.89 1.80
CA TRP B 92 12.88 -6.70 0.59
C TRP B 92 13.16 -8.14 0.95
N ASP B 93 12.53 -9.06 0.24
CA ASP B 93 12.69 -10.50 0.45
C ASP B 93 13.32 -11.10 -0.79
N ASP B 94 14.33 -11.94 -0.59
CA ASP B 94 14.95 -12.68 -1.68
C ASP B 94 14.36 -14.07 -1.86
N SER B 95 13.85 -14.67 -0.77
CA SER B 95 13.27 -16.00 -0.87
C SER B 95 12.00 -16.00 -1.70
N LEU B 96 11.11 -15.04 -1.46
CA LEU B 96 9.93 -14.86 -2.28
C LEU B 96 10.17 -13.97 -3.49
N SER B 97 11.33 -13.30 -3.55
CA SER B 97 11.70 -12.40 -4.64
C SER B 97 10.65 -11.32 -4.86
N GLY B 98 10.13 -10.79 -3.77
CA GLY B 98 9.11 -9.75 -3.83
C GLY B 98 9.13 -8.91 -2.58
N HIS B 99 8.65 -7.67 -2.71
CA HIS B 99 8.53 -6.81 -1.55
C HIS B 99 7.50 -7.36 -0.57
N VAL B 100 7.83 -7.31 0.71
CA VAL B 100 6.96 -7.81 1.77
C VAL B 100 6.81 -6.74 2.83
N PHE B 101 5.68 -6.78 3.53
CA PHE B 101 5.32 -5.75 4.50
C PHE B 101 4.92 -6.40 5.81
N GLY B 102 4.68 -5.55 6.81
CA GLY B 102 4.21 -6.00 8.10
C GLY B 102 2.69 -6.01 8.21
N ALA B 103 2.21 -6.56 9.33
CA ALA B 103 0.77 -6.65 9.56
C ALA B 103 0.15 -5.29 9.89
N GLY B 104 0.89 -4.42 10.57
CA GLY B 104 0.38 -3.11 10.93
C GLY B 104 0.39 -2.86 12.43
N THR B 105 1.12 -1.83 12.86
CA THR B 105 1.25 -1.49 14.27
C THR B 105 0.43 -0.24 14.56
N LYS B 106 -0.41 -0.32 15.59
CA LYS B 106 -1.24 0.80 16.02
C LYS B 106 -0.62 1.46 17.24
N VAL B 107 -0.49 2.78 17.19
CA VAL B 107 0.10 3.57 18.27
C VAL B 107 -1.01 4.37 18.95
N THR B 108 -1.14 4.20 20.26
CA THR B 108 -2.12 4.92 21.05
C THR B 108 -1.45 5.57 22.24
N VAL B 109 -1.75 6.84 22.46
CA VAL B 109 -1.21 7.58 23.60
C VAL B 109 -2.03 7.24 24.83
N LEU B 110 -1.51 7.59 26.00
CA LEU B 110 -2.23 7.34 27.24
C LEU B 110 -2.37 8.62 28.06
N GLY B 118 -9.56 11.56 29.16
CA GLY B 118 -10.36 12.37 30.06
C GLY B 118 -11.85 12.23 29.81
N GLN B 119 -12.22 11.36 28.89
CA GLN B 119 -13.63 11.15 28.58
C GLN B 119 -14.30 10.38 29.71
N PRO B 120 -15.39 10.89 30.27
CA PRO B 120 -16.11 10.14 31.30
C PRO B 120 -16.93 9.00 30.69
N LYS B 121 -17.28 8.04 31.54
CA LYS B 121 -18.13 6.95 31.13
C LYS B 121 -19.56 7.43 30.92
N ALA B 122 -20.16 7.03 29.80
CA ALA B 122 -21.50 7.46 29.45
C ALA B 122 -22.39 6.24 29.23
N ALA B 123 -23.60 6.31 29.76
CA ALA B 123 -24.56 5.24 29.56
C ALA B 123 -25.13 5.30 28.15
N PRO B 124 -25.31 4.16 27.49
CA PRO B 124 -25.84 4.17 26.12
C PRO B 124 -27.31 4.53 26.09
N SER B 125 -27.74 5.03 24.93
CA SER B 125 -29.13 5.40 24.68
C SER B 125 -29.65 4.61 23.49
N VAL B 126 -30.79 3.93 23.68
CA VAL B 126 -31.37 3.07 22.66
C VAL B 126 -32.85 3.44 22.51
N THR B 127 -33.30 3.53 21.26
CA THR B 127 -34.70 3.82 20.94
C THR B 127 -35.20 2.80 19.93
N LEU B 128 -36.17 1.99 20.34
CA LEU B 128 -36.73 0.94 19.50
C LEU B 128 -37.83 1.55 18.65
N PHE B 129 -37.50 1.87 17.40
CA PHE B 129 -38.44 2.55 16.51
C PHE B 129 -39.49 1.56 16.03
N PRO B 130 -40.78 1.85 16.19
CA PRO B 130 -41.80 0.93 15.72
C PRO B 130 -41.86 0.92 14.19
N PRO B 131 -42.29 -0.18 13.59
CA PRO B 131 -42.45 -0.22 12.13
C PRO B 131 -43.60 0.68 11.69
N SER B 132 -43.52 1.10 10.42
CA SER B 132 -44.51 2.01 9.86
C SER B 132 -45.46 1.23 8.95
N SER B 133 -46.39 1.96 8.33
CA SER B 133 -47.45 1.33 7.55
C SER B 133 -47.06 1.17 6.09
N GLU B 134 -46.03 1.88 5.64
CA GLU B 134 -45.58 1.76 4.25
C GLU B 134 -44.93 0.41 3.97
N GLU B 135 -44.34 -0.23 4.99
CA GLU B 135 -43.67 -1.51 4.79
C GLU B 135 -44.68 -2.65 4.68
N LEU B 136 -45.95 -2.38 4.96
CA LEU B 136 -46.98 -3.41 4.91
C LEU B 136 -47.23 -3.88 3.48
N GLN B 137 -47.23 -2.96 2.53
CA GLN B 137 -47.48 -3.30 1.13
C GLN B 137 -46.24 -3.79 0.40
N ALA B 138 -45.07 -3.75 1.05
CA ALA B 138 -43.82 -4.16 0.43
C ALA B 138 -43.47 -5.62 0.68
N ASN B 139 -44.32 -6.34 1.44
CA ASN B 139 -44.08 -7.73 1.85
C ASN B 139 -42.75 -7.90 2.56
N LYS B 140 -42.39 -6.92 3.39
CA LYS B 140 -41.15 -6.94 4.14
C LYS B 140 -41.37 -6.31 5.51
N ALA B 141 -40.60 -6.75 6.48
CA ALA B 141 -40.69 -6.24 7.85
C ALA B 141 -39.29 -6.23 8.45
N THR B 142 -38.70 -5.06 8.56
CA THR B 142 -37.39 -4.89 9.18
C THR B 142 -37.53 -4.01 10.41
N LEU B 143 -37.07 -4.52 11.56
CA LEU B 143 -37.07 -3.77 12.80
C LEU B 143 -35.74 -3.03 12.93
N VAL B 144 -35.82 -1.74 13.19
CA VAL B 144 -34.64 -0.89 13.30
C VAL B 144 -34.40 -0.56 14.76
N CYS B 145 -33.14 -0.69 15.19
CA CYS B 145 -32.75 -0.43 16.56
C CYS B 145 -31.39 0.26 16.55
N LEU B 146 -31.32 1.43 17.15
CA LEU B 146 -30.14 2.27 17.09
C LEU B 146 -29.54 2.44 18.47
N ILE B 147 -28.22 2.52 18.53
CA ILE B 147 -27.47 2.70 19.78
C ILE B 147 -26.47 3.82 19.58
N SER B 148 -26.27 4.63 20.63
CA SER B 148 -25.36 5.76 20.57
C SER B 148 -24.98 6.17 21.98
N ASP B 149 -24.02 7.09 22.07
CA ASP B 149 -23.55 7.69 23.32
C ASP B 149 -23.05 6.63 24.31
N PHE B 150 -22.16 5.77 23.83
CA PHE B 150 -21.54 4.75 24.67
C PHE B 150 -20.04 4.72 24.43
N TYR B 151 -19.30 4.46 25.51
CA TYR B 151 -17.85 4.37 25.47
C TYR B 151 -17.44 3.25 26.40
N PRO B 152 -16.53 2.34 25.99
CA PRO B 152 -15.88 2.28 24.67
C PRO B 152 -16.76 1.64 23.60
N GLY B 153 -16.33 1.75 22.33
CA GLY B 153 -17.07 1.17 21.23
C GLY B 153 -16.84 -0.31 21.02
N ALA B 154 -17.12 -1.11 22.05
CA ALA B 154 -17.02 -2.57 21.99
C ALA B 154 -18.29 -3.13 22.62
N VAL B 155 -19.30 -3.36 21.79
CA VAL B 155 -20.62 -3.75 22.26
C VAL B 155 -21.10 -4.97 21.49
N THR B 156 -21.98 -5.74 22.15
CA THR B 156 -22.66 -6.87 21.53
C THR B 156 -24.16 -6.65 21.64
N VAL B 157 -24.85 -6.68 20.52
CA VAL B 157 -26.29 -6.45 20.46
C VAL B 157 -26.99 -7.79 20.34
N ALA B 158 -27.96 -8.03 21.21
CA ALA B 158 -28.74 -9.26 21.19
C ALA B 158 -30.22 -8.93 21.08
N TRP B 159 -30.96 -9.82 20.42
CA TRP B 159 -32.40 -9.67 20.22
C TRP B 159 -33.12 -10.76 20.99
N LYS B 160 -34.13 -10.38 21.76
CA LYS B 160 -34.95 -11.31 22.53
C LYS B 160 -36.36 -11.32 21.96
N ALA B 161 -36.81 -12.49 21.52
CA ALA B 161 -38.15 -12.67 20.97
C ALA B 161 -38.96 -13.47 21.98
N ASP B 162 -39.98 -12.82 22.56
CA ASP B 162 -40.89 -13.40 23.56
C ASP B 162 -40.14 -13.96 24.76
N SER B 163 -39.92 -15.28 24.77
CA SER B 163 -39.29 -15.97 25.89
C SER B 163 -37.99 -16.66 25.51
N SER B 164 -37.42 -16.36 24.35
CA SER B 164 -36.20 -17.02 23.93
C SER B 164 -35.31 -16.05 23.17
N PRO B 165 -33.99 -16.14 23.31
CA PRO B 165 -33.10 -15.33 22.49
C PRO B 165 -33.09 -15.82 21.05
N VAL B 166 -32.80 -14.91 20.13
CA VAL B 166 -32.72 -15.26 18.72
C VAL B 166 -31.35 -14.88 18.19
N LYS B 167 -30.83 -15.73 17.30
CA LYS B 167 -29.55 -15.55 16.63
C LYS B 167 -29.71 -15.35 15.12
N ALA B 168 -30.66 -16.03 14.50
CA ALA B 168 -30.86 -15.90 13.06
C ALA B 168 -31.42 -14.54 12.71
N GLY B 169 -30.92 -13.96 11.63
CA GLY B 169 -31.40 -12.69 11.13
C GLY B 169 -30.84 -11.47 11.82
N VAL B 170 -29.78 -11.61 12.61
CA VAL B 170 -29.20 -10.47 13.31
C VAL B 170 -28.28 -9.72 12.33
N GLU B 171 -28.22 -8.41 12.48
CA GLU B 171 -27.28 -7.58 11.74
C GLU B 171 -26.55 -6.68 12.72
N THR B 172 -25.23 -6.67 12.65
CA THR B 172 -24.39 -5.90 13.56
C THR B 172 -23.40 -5.09 12.74
N THR B 173 -23.32 -3.79 13.02
CA THR B 173 -22.43 -2.89 12.31
C THR B 173 -21.24 -2.52 13.18
N THR B 174 -20.10 -2.29 12.55
CA THR B 174 -18.91 -1.84 13.26
C THR B 174 -19.14 -0.41 13.76
N PRO B 175 -18.79 -0.12 15.02
CA PRO B 175 -18.93 1.26 15.52
C PRO B 175 -18.06 2.24 14.75
N SER B 176 -18.60 3.43 14.55
CA SER B 176 -17.97 4.46 13.72
C SER B 176 -17.45 5.59 14.59
N LYS B 177 -16.75 6.53 13.95
CA LYS B 177 -16.12 7.65 14.62
C LYS B 177 -16.99 8.89 14.47
N GLN B 178 -17.35 9.50 15.60
CA GLN B 178 -18.17 10.69 15.61
C GLN B 178 -17.29 11.94 15.73
N SER B 179 -17.94 13.09 15.91
CA SER B 179 -17.23 14.35 16.09
C SER B 179 -17.09 14.76 17.54
N ASN B 180 -17.54 13.92 18.48
CA ASN B 180 -17.46 14.21 19.90
C ASN B 180 -16.79 13.08 20.67
N ASN B 181 -15.88 12.37 20.01
CA ASN B 181 -15.15 11.23 20.57
C ASN B 181 -16.11 10.15 21.08
N LYS B 182 -17.05 9.76 20.23
CA LYS B 182 -18.08 8.80 20.58
C LYS B 182 -18.21 7.75 19.48
N TYR B 183 -18.62 6.55 19.87
CA TYR B 183 -18.84 5.45 18.95
C TYR B 183 -20.32 5.11 18.91
N ALA B 184 -20.82 4.74 17.73
CA ALA B 184 -22.21 4.36 17.57
C ALA B 184 -22.34 3.29 16.50
N ALA B 185 -23.33 2.42 16.66
CA ALA B 185 -23.59 1.34 15.73
C ALA B 185 -25.09 1.21 15.57
N SER B 186 -25.52 0.16 14.84
CA SER B 186 -26.93 -0.06 14.61
C SER B 186 -27.19 -1.55 14.44
N SER B 187 -28.44 -1.95 14.66
CA SER B 187 -28.85 -3.33 14.54
C SER B 187 -30.18 -3.41 13.80
N TYR B 188 -30.32 -4.45 12.97
CA TYR B 188 -31.51 -4.68 12.17
C TYR B 188 -32.04 -6.07 12.47
N LEU B 189 -33.09 -6.46 11.74
CA LEU B 189 -33.66 -7.80 11.88
C LEU B 189 -34.43 -8.14 10.62
N SER B 190 -34.19 -9.34 10.09
CA SER B 190 -35.02 -9.85 9.01
C SER B 190 -36.25 -10.54 9.58
N LEU B 191 -37.43 -10.11 9.13
CA LEU B 191 -38.68 -10.62 9.68
C LEU B 191 -39.74 -10.59 8.60
N THR B 192 -40.62 -11.59 8.64
CA THR B 192 -41.79 -11.59 7.77
C THR B 192 -42.88 -10.68 8.34
N PRO B 193 -43.66 -10.02 7.48
CA PRO B 193 -44.73 -9.14 7.99
C PRO B 193 -45.79 -9.84 8.81
N GLU B 194 -46.08 -11.11 8.51
CA GLU B 194 -47.05 -11.86 9.30
C GLU B 194 -46.53 -12.13 10.70
N GLN B 195 -45.21 -12.28 10.86
CA GLN B 195 -44.65 -12.64 12.15
C GLN B 195 -44.66 -11.48 13.15
N TRP B 196 -44.86 -10.25 12.68
CA TRP B 196 -44.87 -9.10 13.58
C TRP B 196 -46.03 -9.16 14.55
N LYS B 197 -47.21 -9.54 14.07
CA LYS B 197 -48.36 -9.71 14.95
C LYS B 197 -48.34 -11.06 15.67
N SER B 198 -47.45 -11.97 15.25
CA SER B 198 -47.48 -13.36 15.74
C SER B 198 -46.85 -13.52 17.11
N HIS B 199 -46.05 -12.55 17.57
CA HIS B 199 -45.42 -12.63 18.86
C HIS B 199 -46.04 -11.65 19.85
N ARG B 200 -45.77 -11.88 21.13
CA ARG B 200 -46.27 -10.99 22.17
C ARG B 200 -45.56 -9.65 22.12
N SER B 201 -44.23 -9.67 22.06
CA SER B 201 -43.42 -8.46 22.02
C SER B 201 -42.01 -8.83 21.57
N TYR B 202 -41.29 -7.83 21.09
CA TYR B 202 -39.91 -7.98 20.66
C TYR B 202 -39.02 -7.07 21.50
N SER B 203 -37.79 -7.52 21.74
CA SER B 203 -36.86 -6.80 22.60
C SER B 203 -35.53 -6.58 21.87
N CYS B 204 -34.96 -5.39 22.06
CA CYS B 204 -33.64 -5.05 21.55
C CYS B 204 -32.78 -4.60 22.72
N GLN B 205 -31.72 -5.36 22.99
CA GLN B 205 -30.81 -5.06 24.10
C GLN B 205 -29.36 -5.15 23.63
N VAL B 206 -28.49 -4.47 24.38
CA VAL B 206 -27.07 -4.42 24.09
C VAL B 206 -26.30 -4.60 25.39
N THR B 207 -25.17 -5.30 25.33
CA THR B 207 -24.27 -5.47 26.47
C THR B 207 -23.16 -4.43 26.35
N HIS B 208 -23.15 -3.46 27.27
CA HIS B 208 -22.15 -2.39 27.26
C HIS B 208 -21.78 -2.07 28.69
N GLU B 209 -20.51 -2.29 29.04
CA GLU B 209 -19.93 -1.98 30.36
C GLU B 209 -20.69 -2.68 31.48
N GLY B 210 -21.17 -3.89 31.21
CA GLY B 210 -21.97 -4.62 32.17
C GLY B 210 -23.39 -4.11 32.34
N SER B 211 -23.85 -3.22 31.48
CA SER B 211 -25.19 -2.64 31.57
C SER B 211 -26.00 -3.09 30.37
N THR B 212 -27.02 -3.91 30.62
CA THR B 212 -27.96 -4.35 29.60
C THR B 212 -29.22 -3.50 29.69
N VAL B 213 -29.54 -2.80 28.61
CA VAL B 213 -30.66 -1.87 28.58
C VAL B 213 -31.82 -2.53 27.84
N GLU B 214 -33.01 -2.43 28.41
CA GLU B 214 -34.17 -3.17 27.93
C GLU B 214 -35.18 -2.20 27.32
N LYS B 215 -35.57 -2.46 26.06
CA LYS B 215 -36.63 -1.74 25.40
C LYS B 215 -37.55 -2.75 24.74
N THR B 216 -38.86 -2.52 24.85
CA THR B 216 -39.86 -3.47 24.39
C THR B 216 -40.81 -2.77 23.43
N VAL B 217 -41.21 -3.48 22.37
CA VAL B 217 -42.11 -2.92 21.38
C VAL B 217 -43.37 -3.80 21.32
N ALA B 218 -44.51 -3.15 21.06
CA ALA B 218 -45.79 -3.84 20.99
C ALA B 218 -46.44 -3.53 19.65
N PRO B 219 -47.15 -4.52 19.07
CA PRO B 219 -47.80 -4.27 17.76
C PRO B 219 -49.01 -3.38 17.84
N THR B 220 -49.59 -3.18 19.03
CA THR B 220 -50.78 -2.36 19.20
C THR B 220 -50.46 -0.91 19.53
N GLU B 221 -49.28 -0.43 19.14
CA GLU B 221 -48.79 0.93 19.43
C GLU B 221 -48.77 1.22 20.92
N VAL C 2 6.55 16.51 -7.46
CA VAL C 2 6.05 15.30 -8.11
C VAL C 2 4.58 15.10 -7.74
N GLN C 3 3.76 14.76 -8.74
CA GLN C 3 2.33 14.58 -8.55
C GLN C 3 1.88 13.34 -9.31
N LEU C 4 1.12 12.47 -8.63
CA LEU C 4 0.56 11.27 -9.24
C LEU C 4 -0.93 11.25 -8.98
N VAL C 5 -1.72 11.10 -10.04
CA VAL C 5 -3.18 11.12 -9.95
C VAL C 5 -3.71 9.77 -10.45
N GLN C 6 -4.48 9.09 -9.62
CA GLN C 6 -5.16 7.87 -10.04
C GLN C 6 -6.58 8.20 -10.47
N SER C 7 -7.28 7.18 -10.97
CA SER C 7 -8.65 7.33 -11.40
C SER C 7 -9.60 7.04 -10.23
N GLY C 8 -10.90 7.09 -10.51
CA GLY C 8 -11.91 6.86 -9.49
C GLY C 8 -12.19 5.39 -9.27
N ALA C 9 -13.16 5.15 -8.38
CA ALA C 9 -13.60 3.80 -8.04
C ALA C 9 -14.93 3.51 -8.71
N GLU C 10 -15.04 2.34 -9.33
CA GLU C 10 -16.23 1.96 -10.07
C GLU C 10 -16.71 0.59 -9.60
N VAL C 11 -17.92 0.24 -10.04
CA VAL C 11 -18.52 -1.05 -9.70
C VAL C 11 -18.01 -2.12 -10.67
N LYS C 12 -17.52 -3.23 -10.12
CA LYS C 12 -17.06 -4.36 -10.93
C LYS C 12 -17.69 -5.64 -10.39
N LYS C 13 -18.57 -6.24 -11.21
CA LYS C 13 -19.14 -7.54 -10.92
C LYS C 13 -18.08 -8.61 -11.17
N PRO C 14 -18.01 -9.65 -10.33
CA PRO C 14 -16.94 -10.64 -10.46
C PRO C 14 -16.98 -11.38 -11.80
N GLY C 15 -15.80 -11.62 -12.36
CA GLY C 15 -15.69 -12.10 -13.71
C GLY C 15 -15.46 -11.02 -14.74
N ALA C 16 -15.58 -9.74 -14.36
CA ALA C 16 -15.32 -8.63 -15.26
C ALA C 16 -13.95 -8.02 -14.95
N SER C 17 -13.51 -7.12 -15.83
CA SER C 17 -12.17 -6.55 -15.75
C SER C 17 -12.21 -5.18 -15.07
N VAL C 18 -11.04 -4.72 -14.65
CA VAL C 18 -10.90 -3.44 -13.99
C VAL C 18 -10.04 -2.51 -14.84
N LYS C 19 -10.37 -1.22 -14.79
CA LYS C 19 -9.65 -0.17 -15.51
C LYS C 19 -9.04 0.75 -14.46
N VAL C 20 -7.83 0.42 -14.02
CA VAL C 20 -7.12 1.21 -13.01
C VAL C 20 -5.81 1.70 -13.61
N SER C 21 -5.52 2.99 -13.40
CA SER C 21 -4.37 3.62 -14.04
C SER C 21 -3.95 4.84 -13.24
N CYS C 22 -2.75 5.33 -13.55
CA CYS C 22 -2.26 6.57 -12.96
C CYS C 22 -1.26 7.22 -13.91
N LYS C 23 -1.19 8.54 -13.84
CA LYS C 23 -0.36 9.34 -14.73
C LYS C 23 0.79 9.97 -13.96
N ALA C 24 1.81 10.41 -14.70
CA ALA C 24 2.97 11.08 -14.14
C ALA C 24 3.02 12.51 -14.64
N SER C 25 3.24 13.46 -13.73
CA SER C 25 3.25 14.87 -14.08
C SER C 25 4.37 15.58 -13.34
N GLY C 26 4.95 16.57 -14.02
CA GLY C 26 5.92 17.45 -13.41
C GLY C 26 7.34 16.92 -13.30
N TYR C 27 7.62 15.75 -13.83
CA TYR C 27 8.95 15.17 -13.74
C TYR C 27 9.16 14.21 -14.90
N ILE C 28 10.40 13.78 -15.08
CA ILE C 28 10.76 12.93 -16.20
C ILE C 28 10.25 11.53 -15.93
N PHE C 29 9.36 11.02 -16.78
CA PHE C 29 8.74 9.72 -16.50
C PHE C 29 9.61 8.50 -16.80
N SER C 30 10.61 8.66 -17.66
CA SER C 30 11.41 7.50 -18.08
C SER C 30 12.48 7.06 -17.08
N ASP C 31 12.83 7.89 -16.12
CA ASP C 31 13.92 7.54 -15.20
C ASP C 31 13.46 7.10 -13.80
N TYR C 32 12.20 6.69 -13.67
CA TYR C 32 11.71 6.21 -12.38
C TYR C 32 10.74 5.04 -12.50
N ASN C 33 10.98 3.99 -11.73
CA ASN C 33 10.08 2.85 -11.74
C ASN C 33 8.76 3.19 -11.07
N ILE C 34 7.71 2.49 -11.47
CA ILE C 34 6.37 2.67 -10.91
C ILE C 34 5.94 1.33 -10.33
N HIS C 35 6.09 1.16 -9.02
CA HIS C 35 5.60 -0.01 -8.33
C HIS C 35 4.12 0.14 -8.01
N TRP C 36 3.44 -0.98 -7.86
CA TRP C 36 2.03 -1.01 -7.48
C TRP C 36 1.88 -1.74 -6.16
N VAL C 37 1.09 -1.16 -5.26
CA VAL C 37 0.84 -1.71 -3.94
C VAL C 37 -0.65 -1.72 -3.69
N ARG C 38 -1.18 -2.88 -3.28
CA ARG C 38 -2.57 -3.03 -2.90
C ARG C 38 -2.68 -3.12 -1.38
N GLN C 39 -3.89 -2.88 -0.87
CA GLN C 39 -4.12 -2.89 0.56
C GLN C 39 -5.58 -3.21 0.81
N ALA C 40 -5.86 -4.41 1.29
CA ALA C 40 -7.21 -4.72 1.73
C ALA C 40 -7.47 -4.14 3.11
N PRO C 41 -8.67 -3.63 3.37
CA PRO C 41 -8.97 -3.08 4.69
C PRO C 41 -9.03 -4.18 5.74
N GLY C 42 -8.11 -4.13 6.70
CA GLY C 42 -8.08 -5.10 7.76
C GLY C 42 -6.69 -5.59 8.11
N GLN C 43 -5.80 -5.66 7.12
CA GLN C 43 -4.44 -6.13 7.33
C GLN C 43 -3.46 -5.20 6.62
N GLY C 44 -2.20 -5.61 6.58
CA GLY C 44 -1.13 -4.80 6.06
C GLY C 44 -1.11 -4.75 4.54
N LEU C 45 -0.07 -4.10 4.03
CA LEU C 45 0.08 -3.84 2.61
C LEU C 45 0.50 -5.10 1.86
N GLU C 46 0.53 -5.01 0.53
CA GLU C 46 0.90 -6.14 -0.30
C GLU C 46 1.42 -5.63 -1.63
N TRP C 47 2.45 -6.29 -2.14
CA TRP C 47 3.17 -5.88 -3.34
C TRP C 47 2.58 -6.53 -4.59
N MET C 48 2.64 -5.79 -5.70
CA MET C 48 2.10 -6.24 -6.99
C MET C 48 3.20 -6.44 -8.03
N GLY C 49 3.96 -5.41 -8.33
CA GLY C 49 4.93 -5.43 -9.41
C GLY C 49 5.27 -4.02 -9.83
N TRP C 50 6.25 -3.91 -10.73
CA TRP C 50 6.72 -2.61 -11.16
C TRP C 50 6.77 -2.52 -12.68
N ILE C 51 6.89 -1.28 -13.16
CA ILE C 51 7.00 -0.97 -14.59
C ILE C 51 8.30 -0.21 -14.80
N SER C 52 9.11 -0.67 -15.76
CA SER C 52 10.26 0.09 -16.21
C SER C 52 9.83 0.92 -17.41
N PRO C 53 9.69 2.25 -17.29
CA PRO C 53 9.14 3.07 -18.37
C PRO C 53 10.17 3.49 -19.42
N ASP C 54 11.04 2.57 -19.81
CA ASP C 54 11.87 2.73 -20.99
C ASP C 54 11.98 1.43 -21.78
N SER C 55 11.39 0.34 -21.32
CA SER C 55 11.37 -0.93 -22.01
C SER C 55 10.09 -1.65 -21.64
N ASP C 56 10.04 -2.94 -21.91
CA ASP C 56 8.90 -3.79 -21.56
C ASP C 56 9.38 -4.86 -20.60
N ASP C 57 9.38 -4.54 -19.31
CA ASP C 57 9.78 -5.47 -18.26
C ASP C 57 8.71 -5.38 -17.17
N THR C 58 7.89 -6.43 -17.07
CA THR C 58 6.77 -6.48 -16.14
C THR C 58 6.95 -7.66 -15.21
N ASN C 59 7.67 -7.45 -14.11
CA ASN C 59 7.83 -8.48 -13.10
C ASN C 59 6.66 -8.43 -12.12
N TYR C 60 6.26 -9.60 -11.64
CA TYR C 60 5.16 -9.73 -10.69
C TYR C 60 5.61 -10.60 -9.52
N ALA C 61 4.73 -10.73 -8.53
CA ALA C 61 4.99 -11.60 -7.40
C ALA C 61 4.74 -13.05 -7.77
N GLN C 62 5.20 -13.97 -6.91
CA GLN C 62 5.02 -15.39 -7.17
C GLN C 62 3.55 -15.79 -7.00
N SER C 63 2.84 -15.15 -6.07
CA SER C 63 1.46 -15.53 -5.82
C SER C 63 0.54 -15.15 -6.97
N PHE C 64 0.75 -13.98 -7.57
CA PHE C 64 -0.09 -13.48 -8.66
C PHE C 64 0.71 -13.38 -9.95
N GLN C 65 1.51 -14.42 -10.23
CA GLN C 65 2.37 -14.41 -11.40
C GLN C 65 1.57 -14.57 -12.69
N GLY C 66 0.64 -15.52 -12.72
CA GLY C 66 -0.13 -15.77 -13.93
C GLY C 66 -1.54 -15.23 -13.87
N ARG C 67 -1.81 -14.38 -12.88
CA ARG C 67 -3.13 -13.80 -12.69
C ARG C 67 -3.27 -12.38 -13.19
N VAL C 68 -2.26 -11.54 -12.99
CA VAL C 68 -2.36 -10.13 -13.27
C VAL C 68 -1.84 -9.87 -14.69
N THR C 69 -2.22 -8.70 -15.22
CA THR C 69 -1.75 -8.24 -16.52
C THR C 69 -1.41 -6.76 -16.41
N MET C 70 -0.16 -6.42 -16.71
CA MET C 70 0.34 -5.05 -16.51
C MET C 70 0.93 -4.57 -17.83
N THR C 71 0.54 -3.37 -18.25
CA THR C 71 0.84 -2.88 -19.58
C THR C 71 1.25 -1.41 -19.53
N ARG C 72 2.34 -1.09 -20.23
CA ARG C 72 2.80 0.29 -20.35
C ARG C 72 2.17 0.96 -21.55
N ASP C 73 1.74 2.21 -21.37
CA ASP C 73 1.31 3.09 -22.45
C ASP C 73 2.11 4.39 -22.31
N THR C 74 3.23 4.47 -23.01
CA THR C 74 4.18 5.56 -22.84
C THR C 74 3.81 6.81 -23.62
N SER C 75 2.72 6.79 -24.39
CA SER C 75 2.38 7.93 -25.25
C SER C 75 1.88 9.12 -24.43
N ILE C 76 0.98 8.88 -23.48
CA ILE C 76 0.33 9.96 -22.75
C ILE C 76 0.75 9.83 -21.29
N THR C 77 2.00 9.37 -21.09
CA THR C 77 2.67 9.10 -19.80
C THR C 77 1.76 8.45 -18.75
N THR C 78 1.07 7.38 -19.13
CA THR C 78 0.21 6.64 -18.23
C THR C 78 0.75 5.23 -18.02
N VAL C 79 0.24 4.57 -16.99
CA VAL C 79 0.53 3.17 -16.72
C VAL C 79 -0.82 2.47 -16.51
N TYR C 80 -1.14 1.53 -17.38
CA TYR C 80 -2.41 0.83 -17.29
C TYR C 80 -2.24 -0.48 -16.53
N MET C 81 -3.37 -1.05 -16.10
CA MET C 81 -3.35 -2.29 -15.35
C MET C 81 -4.63 -3.06 -15.64
N GLU C 82 -4.49 -4.38 -15.82
CA GLU C 82 -5.63 -5.23 -16.15
C GLU C 82 -5.74 -6.38 -15.15
N LEU C 83 -6.88 -6.48 -14.49
CA LEU C 83 -7.26 -7.66 -13.72
C LEU C 83 -8.63 -8.13 -14.21
N SER C 84 -8.65 -9.30 -14.85
CA SER C 84 -9.88 -9.92 -15.30
C SER C 84 -10.21 -11.08 -14.36
N SER C 85 -11.50 -11.34 -14.19
CA SER C 85 -12.03 -12.36 -13.28
C SER C 85 -11.53 -12.15 -11.85
N LEU C 86 -11.79 -10.94 -11.34
CA LEU C 86 -11.44 -10.60 -9.97
C LEU C 86 -12.32 -11.38 -8.99
N ARG C 87 -11.71 -11.81 -7.88
CA ARG C 87 -12.38 -12.64 -6.89
C ARG C 87 -12.63 -11.86 -5.61
N SER C 88 -13.34 -12.51 -4.68
CA SER C 88 -13.80 -11.84 -3.46
C SER C 88 -12.67 -11.43 -2.53
N ASP C 89 -11.51 -12.08 -2.62
CA ASP C 89 -10.39 -11.71 -1.77
C ASP C 89 -9.60 -10.53 -2.30
N ASP C 90 -9.88 -10.08 -3.53
CA ASP C 90 -9.13 -9.01 -4.16
C ASP C 90 -9.75 -7.63 -3.94
N THR C 91 -10.78 -7.53 -3.11
CA THR C 91 -11.38 -6.25 -2.78
C THR C 91 -10.40 -5.44 -1.94
N ALA C 92 -9.76 -4.45 -2.56
CA ALA C 92 -8.70 -3.69 -1.90
C ALA C 92 -8.58 -2.34 -2.57
N VAL C 93 -7.93 -1.42 -1.87
CA VAL C 93 -7.52 -0.14 -2.45
C VAL C 93 -6.16 -0.34 -3.10
N TYR C 94 -5.92 0.35 -4.20
CA TYR C 94 -4.74 0.13 -5.02
C TYR C 94 -3.94 1.42 -5.17
N PHE C 95 -2.64 1.34 -4.94
CA PHE C 95 -1.73 2.47 -5.04
C PHE C 95 -0.69 2.20 -6.11
N CYS C 96 -0.32 3.25 -6.84
CA CYS C 96 0.88 3.23 -7.67
C CYS C 96 1.88 4.21 -7.07
N ALA C 97 3.14 3.79 -6.98
CA ALA C 97 4.15 4.55 -6.27
C ALA C 97 5.42 4.67 -7.11
N ARG C 98 6.11 5.78 -6.94
CA ARG C 98 7.36 6.05 -7.64
C ARG C 98 8.52 5.78 -6.70
N SER C 99 9.45 4.92 -7.13
CA SER C 99 10.65 4.63 -6.37
C SER C 99 11.78 5.53 -6.83
N VAL C 100 12.64 5.91 -5.89
CA VAL C 100 13.81 6.72 -6.24
C VAL C 100 14.79 5.87 -7.02
N GLY C 101 15.45 6.49 -8.00
CA GLY C 101 16.32 5.72 -8.85
C GLY C 101 15.52 4.85 -9.81
N TYR C 102 16.21 3.86 -10.37
CA TYR C 102 15.60 2.97 -11.36
C TYR C 102 16.45 1.72 -11.49
N CYS C 103 15.84 0.55 -11.34
CA CYS C 103 16.52 -0.68 -11.72
C CYS C 103 15.50 -1.67 -12.24
N SER C 104 15.95 -2.55 -13.11
CA SER C 104 15.10 -3.57 -13.70
C SER C 104 15.53 -4.99 -13.35
N LEU C 105 16.58 -5.15 -12.56
CA LEU C 105 17.04 -6.48 -12.18
C LEU C 105 16.27 -6.98 -10.97
N ASN C 106 16.69 -8.13 -10.46
CA ASN C 106 16.08 -8.68 -9.25
C ASN C 106 16.92 -8.40 -8.00
N SER C 107 18.24 -8.43 -8.14
CA SER C 107 19.14 -8.14 -7.03
C SER C 107 19.52 -6.66 -7.03
N CYS C 108 18.50 -5.81 -7.05
CA CYS C 108 18.70 -4.36 -7.04
C CYS C 108 17.71 -3.67 -6.12
N GLN C 109 16.88 -4.41 -5.39
CA GLN C 109 15.80 -3.82 -4.62
C GLN C 109 16.22 -3.43 -3.20
N ARG C 110 17.50 -3.59 -2.87
CA ARG C 110 17.97 -3.20 -1.54
C ARG C 110 17.90 -1.69 -1.33
N TRP C 111 18.04 -0.89 -2.38
CA TRP C 111 18.02 0.55 -2.28
C TRP C 111 16.79 1.15 -2.95
N MET C 112 15.69 0.39 -2.97
CA MET C 112 14.44 0.85 -3.56
C MET C 112 13.38 0.98 -2.48
N TRP C 113 12.97 2.22 -2.20
CA TRP C 113 11.84 2.49 -1.34
C TRP C 113 10.90 3.45 -2.05
N PHE C 114 9.61 3.31 -1.77
CA PHE C 114 8.58 4.08 -2.47
C PHE C 114 8.55 5.50 -1.91
N ASP C 115 8.98 6.47 -2.72
CA ASP C 115 9.10 7.85 -2.25
C ASP C 115 7.74 8.53 -2.17
N THR C 116 7.08 8.69 -3.31
CA THR C 116 5.81 9.39 -3.37
C THR C 116 4.70 8.42 -3.79
N TRP C 117 3.49 8.69 -3.32
CA TRP C 117 2.36 7.79 -3.52
C TRP C 117 1.17 8.59 -4.05
N GLY C 118 0.48 8.03 -5.03
CA GLY C 118 -0.78 8.59 -5.45
C GLY C 118 -1.92 8.13 -4.54
N GLN C 119 -3.03 8.85 -4.62
CA GLN C 119 -4.20 8.47 -3.84
C GLN C 119 -4.80 7.17 -4.39
N GLY C 120 -5.35 6.37 -3.49
CA GLY C 120 -5.78 5.04 -3.88
C GLY C 120 -7.14 5.01 -4.55
N ALA C 121 -7.37 3.92 -5.27
CA ALA C 121 -8.65 3.66 -5.93
C ALA C 121 -9.03 2.22 -5.64
N LEU C 122 -10.15 2.01 -4.96
CA LEU C 122 -10.57 0.69 -4.55
C LEU C 122 -11.50 0.06 -5.60
N VAL C 123 -11.62 -1.26 -5.52
CA VAL C 123 -12.46 -2.03 -6.44
C VAL C 123 -13.55 -2.73 -5.63
N THR C 124 -14.55 -3.25 -6.35
CA THR C 124 -15.75 -3.81 -5.74
C THR C 124 -15.90 -5.27 -6.14
N VAL C 125 -16.91 -5.92 -5.55
CA VAL C 125 -17.21 -7.32 -5.80
C VAL C 125 -18.73 -7.44 -5.89
N SER C 126 -19.25 -8.67 -5.99
CA SER C 126 -20.67 -9.06 -5.88
C SER C 126 -21.45 -8.75 -7.14
N SER C 127 -22.50 -9.54 -7.39
CA SER C 127 -23.27 -9.50 -8.62
C SER C 127 -24.32 -8.40 -8.66
N ALA C 128 -24.48 -7.64 -7.57
CA ALA C 128 -25.43 -6.54 -7.55
C ALA C 128 -24.91 -5.42 -8.43
N SER C 129 -25.64 -5.10 -9.51
CA SER C 129 -25.23 -4.00 -10.38
C SER C 129 -25.67 -2.67 -9.78
N THR C 130 -26.97 -2.45 -9.68
CA THR C 130 -27.59 -1.30 -9.03
C THR C 130 -29.06 -1.60 -8.80
N LYS C 131 -29.61 -1.01 -7.75
CA LYS C 131 -31.03 -1.11 -7.45
C LYS C 131 -31.53 0.23 -6.93
N GLY C 132 -32.73 0.60 -7.36
CA GLY C 132 -33.33 1.86 -6.98
C GLY C 132 -33.62 1.92 -5.50
N PRO C 133 -33.00 2.88 -4.81
CA PRO C 133 -33.21 3.01 -3.36
C PRO C 133 -34.63 3.43 -3.02
N SER C 134 -35.10 2.96 -1.87
CA SER C 134 -36.45 3.24 -1.41
C SER C 134 -36.40 3.79 0.02
N VAL C 135 -36.99 4.97 0.23
CA VAL C 135 -37.05 5.60 1.54
C VAL C 135 -38.36 5.19 2.21
N PHE C 136 -38.28 4.87 3.50
CA PHE C 136 -39.37 4.32 4.31
C PHE C 136 -39.68 5.21 5.51
N PRO C 137 -40.98 5.42 5.82
CA PRO C 137 -41.26 6.36 6.91
C PRO C 137 -40.98 5.77 8.29
N LEU C 138 -40.62 6.62 9.25
CA LEU C 138 -40.39 6.16 10.63
C LEU C 138 -41.19 7.03 11.58
N ALA C 139 -42.07 6.42 12.35
CA ALA C 139 -42.92 7.21 13.24
C ALA C 139 -42.27 7.34 14.61
N PRO C 140 -42.46 8.45 15.31
CA PRO C 140 -41.89 8.59 16.66
C PRO C 140 -42.61 7.72 17.68
N SER C 141 -41.93 7.44 18.78
CA SER C 141 -42.51 6.69 19.89
C SER C 141 -41.89 7.09 21.22
N THR C 149 -38.14 14.73 24.72
CA THR C 149 -37.58 14.86 23.38
C THR C 149 -38.37 14.03 22.36
N ALA C 150 -37.87 13.99 21.14
CA ALA C 150 -38.46 13.15 20.10
C ALA C 150 -37.36 12.77 19.12
N ALA C 151 -37.59 11.69 18.38
CA ALA C 151 -36.63 11.22 17.39
C ALA C 151 -37.39 10.70 16.18
N LEU C 152 -37.03 11.21 14.99
CA LEU C 152 -37.64 10.74 13.76
C LEU C 152 -36.57 10.66 12.69
N GLY C 153 -36.77 9.76 11.74
CA GLY C 153 -35.77 9.54 10.71
C GLY C 153 -36.39 8.83 9.53
N CYS C 154 -35.56 8.55 8.53
CA CYS C 154 -35.99 7.86 7.34
C CYS C 154 -34.97 6.82 6.93
N LEU C 155 -35.45 5.60 6.68
CA LEU C 155 -34.62 4.44 6.40
C LEU C 155 -34.62 4.14 4.91
N VAL C 156 -33.45 3.88 4.36
CA VAL C 156 -33.30 3.50 2.96
C VAL C 156 -32.65 2.12 2.90
N LYS C 157 -33.14 1.29 1.97
CA LYS C 157 -32.63 -0.06 1.77
C LYS C 157 -32.38 -0.27 0.29
N ASP C 158 -31.78 -1.44 -0.01
CA ASP C 158 -31.47 -1.95 -1.37
C ASP C 158 -30.89 -0.89 -2.29
N TYR C 159 -29.95 -0.11 -1.78
CA TYR C 159 -29.23 0.87 -2.57
C TYR C 159 -27.85 0.32 -2.93
N PHE C 160 -27.43 0.57 -4.18
CA PHE C 160 -26.10 0.18 -4.61
C PHE C 160 -25.78 0.96 -5.87
N PRO C 161 -24.54 1.46 -6.05
CA PRO C 161 -23.38 1.33 -5.15
C PRO C 161 -23.19 2.50 -4.20
N GLU C 162 -22.18 2.36 -3.35
CA GLU C 162 -21.78 3.41 -2.43
C GLU C 162 -21.13 4.56 -3.22
N PRO C 163 -21.17 5.80 -2.69
CA PRO C 163 -21.85 6.29 -1.48
C PRO C 163 -23.27 6.77 -1.72
N VAL C 164 -24.03 6.93 -0.64
CA VAL C 164 -25.35 7.54 -0.68
C VAL C 164 -25.44 8.53 0.49
N THR C 165 -25.80 9.76 0.19
CA THR C 165 -25.85 10.83 1.18
C THR C 165 -27.27 11.13 1.60
N VAL C 166 -27.41 11.69 2.80
CA VAL C 166 -28.69 12.13 3.35
C VAL C 166 -28.56 13.60 3.74
N SER C 167 -29.67 14.32 3.63
CA SER C 167 -29.69 15.72 3.99
C SER C 167 -31.08 16.08 4.50
N TRP C 168 -31.14 16.86 5.57
CA TRP C 168 -32.38 17.18 6.26
C TRP C 168 -32.76 18.63 5.97
N ASN C 169 -33.86 18.81 5.24
CA ASN C 169 -34.40 20.13 4.87
C ASN C 169 -33.36 20.97 4.14
N SER C 170 -32.69 20.35 3.16
CA SER C 170 -31.54 20.93 2.44
C SER C 170 -30.44 21.34 3.41
N GLY C 171 -30.22 20.52 4.43
CA GLY C 171 -29.18 20.76 5.40
C GLY C 171 -29.49 21.81 6.45
N ALA C 172 -30.73 22.30 6.50
CA ALA C 172 -31.08 23.33 7.47
C ALA C 172 -31.00 22.80 8.90
N LEU C 173 -31.49 21.59 9.13
CA LEU C 173 -31.34 20.92 10.41
C LEU C 173 -30.21 19.91 10.28
N THR C 174 -29.00 20.33 10.64
CA THR C 174 -27.85 19.44 10.67
C THR C 174 -27.42 19.09 12.09
N SER C 175 -27.93 19.80 13.10
CA SER C 175 -27.65 19.48 14.49
C SER C 175 -28.43 18.24 14.89
N GLY C 176 -27.75 17.30 15.54
CA GLY C 176 -28.38 16.05 15.94
C GLY C 176 -28.51 15.01 14.84
N VAL C 177 -27.99 15.30 13.64
CA VAL C 177 -28.05 14.36 12.53
C VAL C 177 -26.84 13.43 12.63
N HIS C 178 -27.10 12.15 12.82
CA HIS C 178 -26.06 11.14 12.92
C HIS C 178 -26.07 10.25 11.68
N THR C 179 -24.90 10.09 11.07
CA THR C 179 -24.74 9.24 9.91
C THR C 179 -24.28 7.87 10.39
N PHE C 180 -25.23 6.94 10.50
CA PHE C 180 -24.92 5.59 10.95
C PHE C 180 -24.13 4.85 9.87
N PRO C 181 -23.27 3.91 10.26
CA PRO C 181 -22.54 3.11 9.27
C PRO C 181 -23.47 2.19 8.49
N ALA C 182 -23.06 1.89 7.26
CA ALA C 182 -23.83 0.98 6.42
C ALA C 182 -23.69 -0.45 6.92
N VAL C 183 -24.65 -1.28 6.54
CA VAL C 183 -24.70 -2.68 6.97
C VAL C 183 -24.76 -3.57 5.72
N LEU C 184 -24.14 -4.75 5.83
CA LEU C 184 -24.18 -5.75 4.78
C LEU C 184 -24.93 -6.96 5.30
N GLN C 185 -25.97 -7.36 4.57
CA GLN C 185 -26.79 -8.49 4.96
C GLN C 185 -26.31 -9.75 4.26
N SER C 186 -27.01 -10.86 4.48
CA SER C 186 -26.68 -12.11 3.80
C SER C 186 -27.05 -12.08 2.33
N SER C 187 -27.97 -11.20 1.93
CA SER C 187 -28.37 -11.07 0.53
C SER C 187 -27.39 -10.26 -0.30
N GLY C 188 -26.39 -9.63 0.33
CA GLY C 188 -25.40 -8.86 -0.39
C GLY C 188 -25.76 -7.42 -0.64
N LEU C 189 -26.88 -6.94 -0.12
CA LEU C 189 -27.29 -5.55 -0.30
C LEU C 189 -26.88 -4.72 0.90
N TYR C 190 -27.19 -3.42 0.84
CA TYR C 190 -26.83 -2.48 1.87
C TYR C 190 -28.05 -1.71 2.34
N SER C 191 -28.07 -1.39 3.64
CA SER C 191 -29.13 -0.59 4.24
C SER C 191 -28.51 0.54 5.04
N LEU C 192 -29.10 1.73 4.94
CA LEU C 192 -28.57 2.92 5.58
C LEU C 192 -29.66 3.61 6.39
N SER C 193 -29.28 4.10 7.57
CA SER C 193 -30.20 4.77 8.48
C SER C 193 -29.64 6.14 8.88
N SER C 194 -30.53 7.11 9.06
CA SER C 194 -30.15 8.42 9.54
C SER C 194 -31.32 9.02 10.31
N VAL C 195 -31.05 9.45 11.55
CA VAL C 195 -32.09 9.92 12.45
C VAL C 195 -31.65 11.26 13.03
N VAL C 196 -32.62 12.08 13.40
CA VAL C 196 -32.37 13.37 14.02
C VAL C 196 -33.19 13.46 15.31
N THR C 197 -32.59 14.05 16.34
CA THR C 197 -33.21 14.17 17.65
C THR C 197 -33.78 15.58 17.82
N VAL C 198 -35.04 15.67 18.23
CA VAL C 198 -35.73 16.95 18.37
C VAL C 198 -36.41 16.96 19.75
N PRO C 199 -36.70 18.14 20.29
CA PRO C 199 -37.37 18.20 21.60
C PRO C 199 -38.82 17.70 21.51
N SER C 200 -39.48 17.72 22.66
CA SER C 200 -40.78 17.09 22.81
C SER C 200 -41.95 18.03 22.53
N SER C 201 -41.70 19.24 22.03
CA SER C 201 -42.79 20.20 21.83
C SER C 201 -42.98 20.61 20.38
N SER C 202 -41.91 20.93 19.66
CA SER C 202 -42.01 21.47 18.30
C SER C 202 -41.95 20.32 17.29
N LEU C 203 -43.11 19.72 17.04
CA LEU C 203 -43.25 18.66 16.05
C LEU C 203 -44.19 19.04 14.92
N GLY C 204 -45.40 19.50 15.24
CA GLY C 204 -46.37 19.84 14.22
C GLY C 204 -46.09 21.11 13.45
N THR C 205 -45.33 22.05 14.03
CA THR C 205 -44.96 23.27 13.35
C THR C 205 -43.62 23.20 12.64
N GLN C 206 -42.96 22.04 12.68
CA GLN C 206 -41.70 21.82 11.97
C GLN C 206 -41.81 20.53 11.19
N THR C 207 -42.05 20.64 9.89
CA THR C 207 -42.14 19.50 8.99
C THR C 207 -40.73 19.12 8.52
N TYR C 208 -40.13 18.16 9.20
CA TYR C 208 -38.76 17.73 8.91
C TYR C 208 -38.76 16.84 7.67
N ILE C 209 -38.07 17.28 6.62
CA ILE C 209 -37.98 16.54 5.37
C ILE C 209 -36.52 16.14 5.17
N CYS C 210 -36.26 14.84 5.08
CA CYS C 210 -34.94 14.33 4.78
C CYS C 210 -34.83 14.06 3.29
N ASN C 211 -33.81 14.64 2.67
CA ASN C 211 -33.59 14.52 1.23
C ASN C 211 -32.46 13.53 0.99
N VAL C 212 -32.76 12.43 0.28
CA VAL C 212 -31.78 11.41 -0.03
C VAL C 212 -31.51 11.46 -1.53
N ASN C 213 -30.40 10.84 -1.93
CA ASN C 213 -30.01 10.83 -3.34
C ASN C 213 -29.13 9.62 -3.62
N HIS C 214 -29.00 9.29 -4.90
CA HIS C 214 -28.12 8.21 -5.35
C HIS C 214 -27.54 8.64 -6.70
N LYS C 215 -26.23 8.92 -6.71
CA LYS C 215 -25.61 9.53 -7.89
C LYS C 215 -25.61 8.65 -9.13
N PRO C 216 -25.23 7.31 -9.09
CA PRO C 216 -25.22 6.53 -10.34
C PRO C 216 -26.56 6.38 -11.03
N SER C 217 -27.61 5.99 -10.29
CA SER C 217 -28.92 5.85 -10.89
C SER C 217 -29.65 7.18 -11.02
N ASN C 218 -29.07 8.27 -10.51
CA ASN C 218 -29.61 9.62 -10.60
C ASN C 218 -31.01 9.72 -10.00
N THR C 219 -31.23 9.02 -8.89
CA THR C 219 -32.52 8.97 -8.21
C THR C 219 -32.40 9.66 -6.87
N LYS C 220 -33.27 10.64 -6.63
CA LYS C 220 -33.30 11.38 -5.38
C LYS C 220 -34.76 11.61 -4.99
N VAL C 221 -35.24 10.87 -4.00
CA VAL C 221 -36.63 10.91 -3.57
C VAL C 221 -36.71 11.68 -2.26
N ASP C 222 -37.44 12.79 -2.26
CA ASP C 222 -37.67 13.60 -1.08
C ASP C 222 -39.04 13.24 -0.53
N LYS C 223 -39.11 12.94 0.77
CA LYS C 223 -40.30 12.38 1.37
C LYS C 223 -40.59 13.04 2.71
N LYS C 224 -41.87 13.29 2.96
CA LYS C 224 -42.33 13.81 4.24
C LYS C 224 -42.56 12.68 5.23
N VAL C 225 -42.46 13.01 6.51
CA VAL C 225 -42.67 12.06 7.61
C VAL C 225 -43.86 12.56 8.42
N GLU C 226 -44.81 11.66 8.69
CA GLU C 226 -45.97 12.07 9.47
C GLU C 226 -45.97 11.38 10.83
N PRO C 227 -46.19 12.13 11.90
CA PRO C 227 -46.37 11.50 13.22
C PRO C 227 -47.67 10.72 13.28
N LYS C 228 -47.68 9.68 14.12
CA LYS C 228 -48.84 8.81 14.28
C LYS C 228 -49.42 9.02 15.68
N SER C 229 -50.73 9.24 15.74
CA SER C 229 -51.42 9.43 17.01
C SER C 229 -52.31 8.24 17.33
#